data_2YOQ
#
_entry.id   2YOQ
#
_cell.length_a   86.540
_cell.length_b   86.540
_cell.length_c   96.280
_cell.angle_alpha   90.00
_cell.angle_beta   90.00
_cell.angle_gamma   120.00
#
_symmetry.space_group_name_H-M   'P 31'
#
loop_
_entity.id
_entity.type
_entity.pdbx_description
1 polymer 'PROTEIN FAM3B'
2 non-polymer GLYCEROL
3 water water
#
_entity_poly.entity_id   1
_entity_poly.type   'polypeptide(L)'
_entity_poly.pdbx_seq_one_letter_code
;ELIPDVPLSSTLYNIRSIGERPVLKAPAPKRQKCDHWSPCPPDTYAYRLLSGGGRDKYAKICFEDEVLIGEKTGNVARGI
NIAVVNYETGKVIATKYFDMYEGDNSGPMAKFIQSTPSKSLLFMVTHDDGSSKLKAQAKDAIEALGSKEIKNMKFRSSWV
FVAAKGFELPSEIEREKINHSDQSRNRYAGWPAEIQIEGCIPKGLRDYKDDDDK
;
_entity_poly.pdbx_strand_id   A,B,C
#
loop_
_chem_comp.id
_chem_comp.type
_chem_comp.name
_chem_comp.formula
GOL non-polymer GLYCEROL 'C3 H8 O3'
#
# COMPACT_ATOMS: atom_id res chain seq x y z
N ARG A 31 4.32 22.19 31.72
CA ARG A 31 3.70 21.28 30.75
C ARG A 31 2.35 21.82 30.23
N GLN A 32 2.25 22.09 28.91
CA GLN A 32 1.04 22.60 28.26
C GLN A 32 0.14 21.46 27.77
N LYS A 33 -1.11 21.81 27.39
CA LYS A 33 -2.05 20.85 26.80
C LYS A 33 -1.42 20.35 25.51
N CYS A 34 -1.49 19.01 25.29
CA CYS A 34 -0.96 18.33 24.12
C CYS A 34 0.57 18.50 24.01
N ASP A 35 1.23 18.77 25.16
CA ASP A 35 2.67 19.00 25.29
C ASP A 35 3.19 20.08 24.34
N HIS A 36 2.37 21.11 24.09
CA HIS A 36 2.72 22.22 23.21
C HIS A 36 3.98 22.96 23.61
N TRP A 37 4.70 23.43 22.56
CA TRP A 37 5.91 24.24 22.63
C TRP A 37 5.62 25.47 23.53
N SER A 38 4.54 26.24 23.23
CA SER A 38 4.10 27.42 24.00
C SER A 38 2.62 27.31 24.48
N PRO A 39 2.15 28.05 25.53
CA PRO A 39 0.73 27.96 25.92
C PRO A 39 -0.23 28.56 24.87
N CYS A 40 -1.45 28.02 24.78
CA CYS A 40 -2.45 28.52 23.82
C CYS A 40 -3.09 29.77 24.40
N PRO A 41 -3.45 30.76 23.56
CA PRO A 41 -4.16 31.95 24.08
C PRO A 41 -5.51 31.57 24.71
N PRO A 42 -6.11 32.40 25.60
CA PRO A 42 -7.42 32.02 26.18
C PRO A 42 -8.52 31.83 25.12
N ASP A 43 -9.53 31.00 25.46
CA ASP A 43 -10.68 30.72 24.60
C ASP A 43 -10.32 30.06 23.24
N THR A 44 -9.33 29.16 23.28
CA THR A 44 -8.91 28.41 22.09
C THR A 44 -8.86 26.90 22.37
N TYR A 45 -9.02 26.10 21.31
CA TYR A 45 -8.86 24.65 21.38
C TYR A 45 -7.42 24.32 20.98
N ALA A 46 -6.74 23.52 21.80
CA ALA A 46 -5.38 23.04 21.50
C ALA A 46 -5.50 21.69 20.76
N TYR A 47 -4.71 21.52 19.69
CA TYR A 47 -4.65 20.28 18.94
C TYR A 47 -3.21 19.95 18.64
N ARG A 48 -2.93 18.66 18.49
CA ARG A 48 -1.64 18.17 18.04
C ARG A 48 -1.90 16.91 17.24
N LEU A 49 -1.50 16.93 15.97
CA LEU A 49 -1.67 15.79 15.02
C LEU A 49 -0.32 15.20 14.70
N LEU A 50 -0.23 13.89 14.77
CA LEU A 50 0.98 13.13 14.50
C LEU A 50 0.64 11.94 13.56
N SER A 51 1.36 11.82 12.46
CA SER A 51 1.16 10.70 11.55
C SER A 51 1.99 9.55 12.10
N GLY A 52 1.77 8.34 11.58
CA GLY A 52 2.59 7.20 11.97
C GLY A 52 3.98 7.35 11.37
N GLY A 53 4.95 6.75 12.04
CA GLY A 53 6.34 6.72 11.60
C GLY A 53 6.70 5.28 11.39
N GLY A 54 6.60 4.83 10.14
CA GLY A 54 6.80 3.43 9.80
C GLY A 54 5.67 2.60 10.39
N ARG A 55 6.01 1.39 10.86
CA ARG A 55 5.07 0.41 11.46
C ARG A 55 5.07 0.38 12.97
N ASP A 56 6.12 0.86 13.61
CA ASP A 56 6.23 0.80 15.08
C ASP A 56 5.85 2.09 15.81
N LYS A 57 5.81 3.23 15.12
CA LYS A 57 5.47 4.53 15.76
C LYS A 57 4.11 4.88 15.20
N TYR A 58 3.13 4.91 16.09
CA TYR A 58 1.74 5.13 15.74
C TYR A 58 1.27 6.55 15.61
N ALA A 59 0.30 6.75 14.70
CA ALA A 59 -0.36 8.03 14.51
C ALA A 59 -1.02 8.40 15.84
N LYS A 60 -1.21 9.67 16.07
CA LYS A 60 -1.85 10.17 17.28
C LYS A 60 -2.61 11.48 16.97
N ILE A 61 -3.79 11.63 17.54
CA ILE A 61 -4.60 12.85 17.47
C ILE A 61 -4.86 13.29 18.93
N CYS A 62 -4.25 14.43 19.36
CA CYS A 62 -4.46 15.00 20.71
C CYS A 62 -5.31 16.24 20.56
N PHE A 63 -6.37 16.34 21.32
CA PHE A 63 -7.27 17.49 21.30
C PHE A 63 -7.54 17.86 22.75
N GLU A 64 -7.22 19.11 23.11
CA GLU A 64 -7.44 19.63 24.47
C GLU A 64 -6.83 18.72 25.54
N ASP A 65 -5.60 18.23 25.28
CA ASP A 65 -4.85 17.34 26.19
C ASP A 65 -5.40 15.91 26.31
N GLU A 66 -6.36 15.53 25.44
CA GLU A 66 -6.94 14.19 25.41
C GLU A 66 -6.58 13.54 24.07
N VAL A 67 -6.12 12.30 24.12
CA VAL A 67 -5.78 11.48 22.96
C VAL A 67 -7.10 10.93 22.41
N LEU A 68 -7.55 11.42 21.25
CA LEU A 68 -8.77 10.96 20.62
C LEU A 68 -8.52 9.66 19.86
N ILE A 69 -7.39 9.59 19.11
CA ILE A 69 -6.94 8.41 18.37
C ILE A 69 -5.45 8.19 18.68
N GLY A 70 -5.11 6.96 19.02
CA GLY A 70 -3.74 6.59 19.34
C GLY A 70 -3.62 5.22 19.96
N GLU A 71 -2.37 4.81 20.21
CA GLU A 71 -2.02 3.54 20.83
C GLU A 71 -2.70 3.43 22.20
N LYS A 72 -2.62 4.52 23.02
CA LYS A 72 -3.18 4.68 24.37
C LYS A 72 -4.68 4.36 24.45
N THR A 73 -5.46 4.85 23.47
CA THR A 73 -6.91 4.61 23.40
C THR A 73 -7.26 3.32 22.64
N GLY A 74 -6.24 2.62 22.12
CA GLY A 74 -6.35 1.40 21.33
C GLY A 74 -7.27 1.52 20.13
N ASN A 75 -7.22 2.67 19.43
CA ASN A 75 -8.13 2.90 18.30
C ASN A 75 -7.47 3.45 17.04
N VAL A 76 -6.16 3.24 16.91
CA VAL A 76 -5.39 3.66 15.75
C VAL A 76 -5.11 2.41 14.88
N ALA A 77 -5.15 2.56 13.55
CA ALA A 77 -4.82 1.45 12.64
C ALA A 77 -4.34 1.97 11.31
N ARG A 78 -3.73 1.09 10.48
CA ARG A 78 -3.29 1.41 9.13
C ARG A 78 -4.43 2.09 8.37
N GLY A 79 -4.10 3.15 7.65
CA GLY A 79 -5.05 3.93 6.87
C GLY A 79 -5.18 5.36 7.32
N ILE A 80 -6.30 6.01 6.94
CA ILE A 80 -6.58 7.39 7.37
C ILE A 80 -7.45 7.30 8.63
N ASN A 81 -6.97 7.93 9.72
CA ASN A 81 -7.63 7.97 11.02
C ASN A 81 -8.25 9.35 11.16
N ILE A 82 -9.58 9.39 11.34
CA ILE A 82 -10.36 10.62 11.46
C ILE A 82 -11.04 10.78 12.82
N ALA A 83 -10.80 11.93 13.49
CA ALA A 83 -11.49 12.31 14.72
C ALA A 83 -12.38 13.51 14.38
N VAL A 84 -13.64 13.45 14.80
CA VAL A 84 -14.61 14.52 14.50
C VAL A 84 -15.06 15.15 15.81
N VAL A 85 -14.91 16.48 15.93
CA VAL A 85 -15.34 17.17 17.14
C VAL A 85 -16.37 18.24 16.85
N ASN A 86 -17.35 18.38 17.77
CA ASN A 86 -18.37 19.43 17.68
C ASN A 86 -17.64 20.73 18.08
N TYR A 87 -17.50 21.66 17.12
CA TYR A 87 -16.82 22.93 17.32
C TYR A 87 -17.50 23.82 18.38
N GLU A 88 -18.83 23.84 18.36
CA GLU A 88 -19.65 24.63 19.26
C GLU A 88 -19.50 24.22 20.73
N THR A 89 -19.43 22.89 21.00
CA THR A 89 -19.38 22.34 22.37
C THR A 89 -18.05 21.70 22.82
N GLY A 90 -17.18 21.35 21.88
CA GLY A 90 -15.90 20.74 22.17
C GLY A 90 -16.01 19.24 22.38
N LYS A 91 -17.22 18.70 22.14
CA LYS A 91 -17.51 17.27 22.31
C LYS A 91 -17.06 16.45 21.13
N VAL A 92 -16.40 15.33 21.42
CA VAL A 92 -15.91 14.35 20.43
C VAL A 92 -17.13 13.62 19.92
N ILE A 93 -17.39 13.74 18.63
CA ILE A 93 -18.59 13.12 18.07
C ILE A 93 -18.37 11.76 17.40
N ALA A 94 -17.16 11.52 16.86
CA ALA A 94 -16.79 10.27 16.20
C ALA A 94 -15.28 10.15 15.99
N THR A 95 -14.77 8.92 16.05
CA THR A 95 -13.39 8.52 15.76
C THR A 95 -13.51 7.27 14.89
N LYS A 96 -12.84 7.25 13.74
CA LYS A 96 -12.87 6.10 12.85
C LYS A 96 -11.66 6.06 11.95
N TYR A 97 -11.12 4.87 11.69
CA TYR A 97 -10.05 4.69 10.73
C TYR A 97 -10.57 3.99 9.47
N PHE A 98 -9.89 4.21 8.33
CA PHE A 98 -10.24 3.68 7.02
C PHE A 98 -8.98 3.13 6.38
N ASP A 99 -8.86 1.79 6.32
CA ASP A 99 -7.73 1.09 5.74
C ASP A 99 -7.69 1.34 4.24
N MET A 100 -6.56 1.89 3.75
CA MET A 100 -6.41 2.17 2.32
C MET A 100 -5.58 1.10 1.62
N TYR A 101 -5.22 0.01 2.34
CA TYR A 101 -4.41 -1.08 1.80
C TYR A 101 -5.22 -2.35 1.48
N GLU A 102 -6.25 -2.64 2.30
CA GLU A 102 -7.17 -3.79 2.15
C GLU A 102 -8.57 -3.20 2.09
N GLY A 103 -9.52 -3.98 1.57
CA GLY A 103 -10.91 -3.58 1.46
C GLY A 103 -11.19 -2.45 0.48
N ASP A 104 -12.39 -1.89 0.55
CA ASP A 104 -12.80 -0.78 -0.30
C ASP A 104 -13.38 0.25 0.64
N ASN A 105 -12.49 0.97 1.34
CA ASN A 105 -12.88 1.93 2.38
C ASN A 105 -12.89 3.37 1.95
N SER A 106 -12.57 3.63 0.68
CA SER A 106 -12.55 4.96 0.09
C SER A 106 -13.97 5.55 0.04
N GLY A 107 -14.95 4.76 -0.46
CA GLY A 107 -16.36 5.10 -0.54
C GLY A 107 -16.93 5.35 0.85
N PRO A 108 -16.86 4.35 1.77
CA PRO A 108 -17.31 4.59 3.18
C PRO A 108 -16.69 5.85 3.86
N MET A 109 -15.41 6.14 3.58
CA MET A 109 -14.72 7.30 4.14
C MET A 109 -15.31 8.60 3.62
N ALA A 110 -15.56 8.67 2.31
CA ALA A 110 -16.17 9.84 1.68
C ALA A 110 -17.55 10.12 2.30
N LYS A 111 -18.35 9.06 2.52
CA LYS A 111 -19.69 9.12 3.11
C LYS A 111 -19.60 9.57 4.56
N PHE A 112 -18.64 9.03 5.30
CA PHE A 112 -18.42 9.38 6.69
C PHE A 112 -18.12 10.89 6.80
N ILE A 113 -17.24 11.41 5.92
CA ILE A 113 -16.85 12.83 5.88
C ILE A 113 -18.06 13.71 5.54
N GLN A 114 -18.76 13.39 4.44
CA GLN A 114 -19.95 14.12 4.00
C GLN A 114 -21.09 14.15 5.03
N SER A 115 -21.19 13.13 5.90
CA SER A 115 -22.22 13.03 6.92
C SER A 115 -21.89 13.85 8.17
N THR A 116 -20.64 14.37 8.29
CA THR A 116 -20.28 15.14 9.49
C THR A 116 -21.11 16.43 9.54
N PRO A 117 -21.63 16.79 10.74
CA PRO A 117 -22.48 18.00 10.81
C PRO A 117 -21.72 19.30 10.59
N SER A 118 -22.47 20.37 10.28
CA SER A 118 -21.95 21.72 10.16
C SER A 118 -21.46 22.12 11.57
N LYS A 119 -20.40 22.96 11.64
CA LYS A 119 -19.73 23.38 12.88
C LYS A 119 -18.97 22.21 13.51
N SER A 120 -18.25 21.48 12.67
CA SER A 120 -17.41 20.36 13.11
C SER A 120 -15.96 20.61 12.78
N LEU A 121 -15.06 20.08 13.61
CA LEU A 121 -13.62 20.05 13.36
C LEU A 121 -13.33 18.61 12.99
N LEU A 122 -12.53 18.41 11.94
CA LEU A 122 -12.12 17.08 11.49
C LEU A 122 -10.60 17.03 11.53
N PHE A 123 -10.07 16.00 12.17
CA PHE A 123 -8.64 15.76 12.31
C PHE A 123 -8.31 14.46 11.59
N MET A 124 -7.41 14.51 10.61
CA MET A 124 -7.04 13.36 9.79
C MET A 124 -5.54 13.13 9.82
N VAL A 125 -5.15 11.89 10.12
CA VAL A 125 -3.75 11.48 10.18
C VAL A 125 -3.61 10.12 9.49
N THR A 126 -2.47 9.89 8.84
CA THR A 126 -2.23 8.57 8.26
C THR A 126 -1.45 7.74 9.28
N HIS A 127 -1.60 6.43 9.21
CA HIS A 127 -0.76 5.51 9.92
C HIS A 127 -0.35 4.49 8.88
N ASP A 128 0.98 4.35 8.65
CA ASP A 128 1.55 3.38 7.70
C ASP A 128 1.27 3.80 6.25
N ASP A 129 0.03 3.60 5.77
CA ASP A 129 -0.35 4.01 4.43
C ASP A 129 -1.78 4.55 4.43
N GLY A 130 -2.02 5.58 3.63
CA GLY A 130 -3.36 6.13 3.44
C GLY A 130 -3.64 6.40 1.99
N SER A 131 -2.87 5.76 1.10
CA SER A 131 -2.93 6.03 -0.32
C SER A 131 -3.22 4.90 -1.28
N SER A 132 -2.80 3.68 -0.94
CA SER A 132 -2.90 2.51 -1.82
C SER A 132 -4.20 2.36 -2.62
N LYS A 133 -5.34 2.36 -1.94
CA LYS A 133 -6.69 2.23 -2.54
C LYS A 133 -7.50 3.54 -2.38
N LEU A 134 -6.79 4.68 -2.17
CA LEU A 134 -7.41 6.02 -2.02
C LEU A 134 -7.97 6.47 -3.36
N LYS A 135 -9.30 6.55 -3.44
CA LYS A 135 -9.98 6.88 -4.69
C LYS A 135 -10.42 8.35 -4.83
N ALA A 136 -10.77 8.75 -6.06
CA ALA A 136 -11.17 10.12 -6.45
C ALA A 136 -12.28 10.74 -5.60
N GLN A 137 -13.32 9.98 -5.27
CA GLN A 137 -14.46 10.43 -4.47
C GLN A 137 -13.98 10.88 -3.06
N ALA A 138 -13.08 10.10 -2.43
CA ALA A 138 -12.51 10.42 -1.11
C ALA A 138 -11.63 11.65 -1.19
N LYS A 139 -10.79 11.74 -2.23
CA LYS A 139 -9.92 12.89 -2.47
C LYS A 139 -10.76 14.15 -2.66
N ASP A 140 -11.87 14.06 -3.41
CA ASP A 140 -12.77 15.19 -3.63
C ASP A 140 -13.42 15.66 -2.34
N ALA A 141 -13.83 14.72 -1.46
CA ALA A 141 -14.42 15.05 -0.14
C ALA A 141 -13.43 15.75 0.80
N ILE A 142 -12.13 15.34 0.76
CA ILE A 142 -11.05 15.90 1.58
C ILE A 142 -10.61 17.26 1.01
N GLU A 143 -10.51 17.35 -0.34
CA GLU A 143 -10.20 18.62 -1.02
C GLU A 143 -11.30 19.68 -0.81
N ALA A 144 -12.58 19.25 -0.74
CA ALA A 144 -13.71 20.15 -0.50
C ALA A 144 -13.65 20.79 0.89
N LEU A 145 -12.91 20.16 1.83
CA LEU A 145 -12.66 20.64 3.19
C LEU A 145 -11.44 21.60 3.27
N GLY A 146 -10.74 21.78 2.16
CA GLY A 146 -9.59 22.68 2.11
C GLY A 146 -8.23 22.03 1.99
N SER A 147 -8.17 20.69 1.73
CA SER A 147 -6.89 19.98 1.57
C SER A 147 -6.14 20.35 0.27
N LYS A 148 -4.90 20.82 0.41
CA LYS A 148 -4.06 21.21 -0.72
C LYS A 148 -3.10 20.08 -1.07
N GLU A 149 -3.04 19.04 -0.21
CA GLU A 149 -2.11 17.92 -0.35
C GLU A 149 -2.70 16.57 -0.62
N ILE A 150 -4.00 16.32 -0.32
CA ILE A 150 -4.56 14.99 -0.55
C ILE A 150 -4.40 14.51 -2.03
N LYS A 151 -4.44 15.47 -3.00
CA LYS A 151 -4.29 15.25 -4.43
C LYS A 151 -2.89 14.65 -4.74
N ASN A 152 -1.91 14.91 -3.87
CA ASN A 152 -0.53 14.49 -4.03
C ASN A 152 -0.17 13.22 -3.29
N MET A 153 -1.15 12.55 -2.67
CA MET A 153 -0.91 11.33 -1.91
C MET A 153 -0.28 10.19 -2.72
N LYS A 154 0.80 9.59 -2.21
CA LYS A 154 1.47 8.47 -2.84
C LYS A 154 1.61 7.37 -1.81
N PHE A 155 1.91 6.13 -2.25
CA PHE A 155 2.04 4.98 -1.35
C PHE A 155 2.97 5.27 -0.17
N ARG A 156 2.41 5.14 1.04
CA ARG A 156 3.13 5.33 2.31
C ARG A 156 3.48 6.79 2.71
N SER A 157 3.02 7.81 1.94
CA SER A 157 3.18 9.23 2.28
C SER A 157 2.55 9.48 3.68
N SER A 158 3.24 10.22 4.54
CA SER A 158 2.67 10.55 5.83
C SER A 158 1.91 11.87 5.62
N TRP A 159 0.73 11.99 6.23
CA TRP A 159 -0.15 13.13 6.02
C TRP A 159 -0.95 13.44 7.27
N VAL A 160 -1.06 14.73 7.59
CA VAL A 160 -1.78 15.27 8.75
C VAL A 160 -2.60 16.47 8.26
N PHE A 161 -3.86 16.55 8.70
CA PHE A 161 -4.78 17.58 8.23
C PHE A 161 -5.87 17.99 9.26
N VAL A 162 -6.10 19.29 9.39
CA VAL A 162 -7.17 19.90 10.22
C VAL A 162 -8.14 20.57 9.24
N ALA A 163 -9.43 20.32 9.42
CA ALA A 163 -10.49 20.93 8.62
C ALA A 163 -11.60 21.41 9.53
N ALA A 164 -12.33 22.43 9.06
CA ALA A 164 -13.50 23.00 9.69
C ALA A 164 -14.62 22.85 8.69
N LYS A 165 -15.77 22.39 9.13
CA LYS A 165 -16.96 22.27 8.29
C LYS A 165 -17.97 23.32 8.77
N GLY A 166 -18.34 24.25 7.89
CA GLY A 166 -19.30 25.32 8.18
C GLY A 166 -18.69 26.62 8.71
N PHE A 167 -17.37 26.78 8.60
CA PHE A 167 -16.61 27.97 9.02
C PHE A 167 -15.18 27.86 8.50
N GLU A 168 -14.45 28.96 8.54
CA GLU A 168 -13.09 29.05 8.06
C GLU A 168 -12.11 29.02 9.22
N LEU A 169 -11.03 28.25 9.06
CA LEU A 169 -10.00 28.21 10.08
C LEU A 169 -9.10 29.45 9.92
N PRO A 170 -8.55 30.03 11.00
CA PRO A 170 -7.63 31.16 10.82
C PRO A 170 -6.44 30.75 9.94
N SER A 171 -6.04 31.64 9.01
CA SER A 171 -4.98 31.40 8.03
C SER A 171 -3.57 31.12 8.62
N GLU A 172 -3.29 31.58 9.85
CA GLU A 172 -1.99 31.41 10.48
C GLU A 172 -1.68 30.06 11.17
N ILE A 173 -2.72 29.28 11.54
CA ILE A 173 -2.50 27.99 12.20
C ILE A 173 -1.95 26.94 11.22
N GLU A 174 -1.11 25.99 11.69
CA GLU A 174 -0.63 24.95 10.77
C GLU A 174 -1.70 23.86 10.66
N ARG A 175 -2.28 23.75 9.48
CA ARG A 175 -3.40 22.87 9.24
C ARG A 175 -3.13 21.66 8.34
N GLU A 176 -1.95 21.58 7.74
CA GLU A 176 -1.66 20.48 6.82
C GLU A 176 -0.19 20.28 6.59
N LYS A 177 0.22 19.03 6.41
CA LYS A 177 1.58 18.64 6.09
C LYS A 177 1.54 17.30 5.37
N ILE A 178 2.49 17.07 4.46
CA ILE A 178 2.67 15.82 3.72
C ILE A 178 4.17 15.54 3.62
N ASN A 179 4.53 14.27 3.62
CA ASN A 179 5.90 13.83 3.49
C ASN A 179 5.90 12.51 2.74
N HIS A 180 6.45 12.53 1.53
CA HIS A 180 6.50 11.38 0.63
C HIS A 180 7.65 10.45 0.89
N SER A 181 7.43 9.15 0.62
CA SER A 181 8.42 8.09 0.71
C SER A 181 9.51 8.37 -0.33
N ASP A 182 10.78 8.34 0.10
CA ASP A 182 11.95 8.64 -0.72
C ASP A 182 13.11 7.84 -0.13
N GLN A 183 13.64 6.88 -0.89
CA GLN A 183 14.73 6.00 -0.49
C GLN A 183 15.94 6.70 0.13
N SER A 184 16.30 7.88 -0.37
CA SER A 184 17.44 8.63 0.15
C SER A 184 17.18 9.36 1.49
N ARG A 185 15.91 9.58 1.89
CA ARG A 185 15.49 10.34 3.08
C ARG A 185 14.72 9.53 4.11
N ASN A 186 14.17 8.39 3.72
CA ASN A 186 13.33 7.56 4.58
C ASN A 186 13.89 7.31 5.95
N ARG A 187 13.12 7.67 7.02
CA ARG A 187 13.54 7.47 8.39
C ARG A 187 13.50 5.97 8.78
N TYR A 188 12.67 5.18 8.09
CA TYR A 188 12.49 3.75 8.31
C TYR A 188 12.71 3.04 7.00
N ALA A 189 13.13 1.78 7.03
CA ALA A 189 13.33 1.02 5.78
C ALA A 189 11.93 0.80 5.17
N GLY A 190 11.63 1.56 4.12
CA GLY A 190 10.37 1.51 3.40
C GLY A 190 9.32 2.57 3.72
N TRP A 191 9.54 3.41 4.73
CA TRP A 191 8.57 4.46 5.11
C TRP A 191 9.24 5.83 5.33
N PRO A 192 8.55 6.94 5.00
CA PRO A 192 9.09 8.27 5.32
C PRO A 192 8.98 8.59 6.82
N ALA A 193 9.67 9.67 7.25
CA ALA A 193 9.57 10.14 8.63
C ALA A 193 8.11 10.56 8.90
N GLU A 194 7.69 10.40 10.14
CA GLU A 194 6.40 10.89 10.65
C GLU A 194 6.48 12.43 10.69
N ILE A 195 5.32 13.07 10.61
CA ILE A 195 5.16 14.52 10.64
C ILE A 195 4.12 14.87 11.68
N GLN A 196 4.21 16.10 12.16
CA GLN A 196 3.37 16.66 13.22
C GLN A 196 2.90 18.05 12.83
N ILE A 197 1.75 18.44 13.38
CA ILE A 197 1.21 19.81 13.31
C ILE A 197 0.56 20.09 14.67
N GLU A 198 0.65 21.33 15.14
CA GLU A 198 0.03 21.74 16.39
C GLU A 198 -0.45 23.17 16.27
N GLY A 199 -1.41 23.52 17.10
CA GLY A 199 -1.96 24.87 17.07
C GLY A 199 -3.09 25.12 18.02
N CYS A 200 -3.68 26.31 17.88
CA CYS A 200 -4.76 26.77 18.75
C CYS A 200 -5.88 27.33 17.89
N ILE A 201 -7.07 26.76 18.01
CA ILE A 201 -8.22 27.22 17.24
C ILE A 201 -9.12 28.07 18.13
N PRO A 202 -9.33 29.36 17.81
CA PRO A 202 -10.30 30.17 18.59
C PRO A 202 -11.68 29.51 18.62
N LYS A 203 -12.34 29.53 19.79
CA LYS A 203 -13.66 28.92 19.97
C LYS A 203 -14.83 29.81 19.51
N GLY A 204 -14.55 31.11 19.32
CA GLY A 204 -15.59 32.08 19.02
C GLY A 204 -15.81 32.51 17.59
N LEU A 205 -15.29 31.75 16.61
CA LEU A 205 -15.45 32.08 15.18
C LEU A 205 -16.90 32.18 14.68
N ARG A 206 -17.85 31.48 15.34
CA ARG A 206 -19.27 31.51 14.94
C ARG A 206 -20.17 32.00 16.06
N ASP A 207 -19.60 32.75 17.04
CA ASP A 207 -20.39 33.31 18.14
C ASP A 207 -21.44 34.30 17.67
N TYR A 208 -22.61 34.30 18.31
CA TYR A 208 -23.68 35.24 17.99
C TYR A 208 -23.36 36.51 18.80
N LYS A 209 -22.76 37.50 18.14
CA LYS A 209 -22.31 38.74 18.77
C LYS A 209 -23.41 39.81 18.89
N ASP A 210 -23.25 40.71 19.87
CA ASP A 210 -24.13 41.86 20.11
C ASP A 210 -23.72 43.07 19.22
N ASP A 211 -24.35 44.25 19.40
CA ASP A 211 -23.96 45.44 18.63
C ASP A 211 -23.81 46.66 19.53
N ARG B 31 -7.30 -14.19 -29.49
CA ARG B 31 -6.63 -13.17 -28.67
C ARG B 31 -5.20 -12.94 -29.15
N GLN B 32 -4.92 -11.74 -29.73
CA GLN B 32 -3.60 -11.34 -30.21
C GLN B 32 -2.78 -10.69 -29.09
N LYS B 33 -1.46 -10.46 -29.32
CA LYS B 33 -0.55 -9.77 -28.40
C LYS B 33 -1.08 -8.35 -28.16
N CYS B 34 -1.08 -7.90 -26.87
CA CYS B 34 -1.56 -6.59 -26.46
C CYS B 34 -3.05 -6.39 -26.77
N ASP B 35 -3.78 -7.51 -26.92
CA ASP B 35 -5.21 -7.57 -27.24
C ASP B 35 -5.56 -6.78 -28.50
N HIS B 36 -4.64 -6.78 -29.49
CA HIS B 36 -4.81 -6.08 -30.76
C HIS B 36 -6.05 -6.50 -31.53
N TRP B 37 -6.64 -5.50 -32.22
CA TRP B 37 -7.80 -5.62 -33.09
C TRP B 37 -7.51 -6.73 -34.13
N SER B 38 -6.37 -6.63 -34.86
CA SER B 38 -5.91 -7.60 -35.88
C SER B 38 -4.49 -8.17 -35.57
N PRO B 39 -4.09 -9.36 -36.10
CA PRO B 39 -2.74 -9.88 -35.82
C PRO B 39 -1.63 -9.06 -36.47
N CYS B 40 -0.44 -9.02 -35.83
CA CYS B 40 0.70 -8.26 -36.37
C CYS B 40 1.37 -9.09 -37.44
N PRO B 41 1.92 -8.49 -38.53
CA PRO B 41 2.67 -9.30 -39.52
C PRO B 41 3.91 -9.96 -38.89
N PRO B 42 4.49 -11.04 -39.48
CA PRO B 42 5.69 -11.64 -38.86
C PRO B 42 6.87 -10.68 -38.78
N ASP B 43 7.77 -10.92 -37.82
CA ASP B 43 8.98 -10.13 -37.58
C ASP B 43 8.69 -8.65 -37.19
N THR B 44 7.62 -8.45 -36.40
CA THR B 44 7.27 -7.10 -35.94
C THR B 44 7.08 -7.07 -34.42
N TYR B 45 7.29 -5.88 -33.82
CA TYR B 45 7.02 -5.68 -32.40
C TYR B 45 5.61 -5.11 -32.27
N ALA B 46 4.78 -5.72 -31.41
CA ALA B 46 3.44 -5.21 -31.12
C ALA B 46 3.52 -4.26 -29.91
N TYR B 47 2.85 -3.12 -30.01
CA TYR B 47 2.76 -2.14 -28.91
C TYR B 47 1.32 -1.67 -28.78
N ARG B 48 0.97 -1.26 -27.58
CA ARG B 48 -0.31 -0.65 -27.31
C ARG B 48 -0.09 0.34 -26.16
N LEU B 49 -0.33 1.63 -26.43
CA LEU B 49 -0.16 2.72 -25.47
C LEU B 49 -1.52 3.27 -25.08
N LEU B 50 -1.71 3.48 -23.77
CA LEU B 50 -2.94 3.97 -23.18
C LEU B 50 -2.63 5.10 -22.15
N SER B 51 -3.23 6.28 -22.31
CA SER B 51 -3.02 7.36 -21.37
C SER B 51 -3.99 7.10 -20.21
N GLY B 52 -3.80 7.82 -19.11
CA GLY B 52 -4.74 7.73 -18.01
C GLY B 52 -6.05 8.41 -18.39
N GLY B 53 -7.14 7.95 -17.79
CA GLY B 53 -8.47 8.53 -17.92
C GLY B 53 -8.87 9.04 -16.56
N GLY B 54 -8.61 10.31 -16.29
CA GLY B 54 -8.85 10.89 -14.96
C GLY B 54 -7.86 10.38 -13.93
N ARG B 55 -8.31 10.27 -12.67
CA ARG B 55 -7.42 9.83 -11.60
C ARG B 55 -7.47 8.35 -11.32
N ASP B 56 -8.61 7.69 -11.63
CA ASP B 56 -8.84 6.27 -11.31
C ASP B 56 -8.61 5.27 -12.45
N LYS B 57 -8.47 5.74 -13.70
CA LYS B 57 -8.16 4.84 -14.82
C LYS B 57 -6.71 5.17 -15.20
N TYR B 58 -5.83 4.19 -15.00
CA TYR B 58 -4.39 4.37 -15.16
C TYR B 58 -3.84 4.16 -16.56
N ALA B 59 -2.76 4.93 -16.84
CA ALA B 59 -2.01 4.82 -18.08
C ALA B 59 -1.46 3.37 -18.13
N LYS B 60 -1.19 2.89 -19.34
CA LYS B 60 -0.65 1.56 -19.55
C LYS B 60 0.21 1.55 -20.81
N ILE B 61 1.36 0.85 -20.75
CA ILE B 61 2.26 0.63 -21.89
C ILE B 61 2.39 -0.88 -22.02
N CYS B 62 1.88 -1.47 -23.13
CA CYS B 62 2.00 -2.89 -23.45
C CYS B 62 2.95 -3.03 -24.61
N PHE B 63 3.93 -3.91 -24.47
CA PHE B 63 4.90 -4.19 -25.52
C PHE B 63 5.08 -5.69 -25.62
N GLU B 64 4.79 -6.24 -26.82
CA GLU B 64 4.93 -7.69 -27.07
C GLU B 64 4.15 -8.52 -26.06
N ASP B 65 2.92 -8.07 -25.73
CA ASP B 65 2.02 -8.74 -24.79
C ASP B 65 2.43 -8.66 -23.31
N GLU B 66 3.41 -7.81 -23.00
CA GLU B 66 3.88 -7.56 -21.64
C GLU B 66 3.60 -6.12 -21.25
N VAL B 67 3.04 -5.92 -20.07
CA VAL B 67 2.77 -4.59 -19.49
C VAL B 67 4.10 -4.08 -18.92
N LEU B 68 4.69 -3.06 -19.56
CA LEU B 68 5.94 -2.46 -19.10
C LEU B 68 5.64 -1.47 -17.99
N ILE B 69 4.58 -0.66 -18.15
CA ILE B 69 4.13 0.33 -17.17
C ILE B 69 2.63 0.18 -17.02
N GLY B 70 2.16 0.14 -15.80
CA GLY B 70 0.75 0.01 -15.49
C GLY B 70 0.48 -0.33 -14.05
N GLU B 71 -0.81 -0.40 -13.70
CA GLU B 71 -1.31 -0.74 -12.38
C GLU B 71 -0.77 -2.14 -11.97
N LYS B 72 -0.86 -3.13 -12.89
CA LYS B 72 -0.41 -4.52 -12.77
C LYS B 72 1.06 -4.67 -12.32
N THR B 73 1.95 -3.85 -12.88
CA THR B 73 3.37 -3.86 -12.55
C THR B 73 3.71 -2.89 -11.41
N GLY B 74 2.69 -2.18 -10.90
CA GLY B 74 2.81 -1.21 -9.83
C GLY B 74 3.82 -0.10 -10.08
N ASN B 75 3.94 0.38 -11.33
CA ASN B 75 4.96 1.37 -11.69
C ASN B 75 4.46 2.54 -12.50
N VAL B 76 3.16 2.82 -12.44
CA VAL B 76 2.53 3.94 -13.14
C VAL B 76 2.22 5.03 -12.09
N ALA B 77 2.40 6.31 -12.44
CA ALA B 77 2.08 7.41 -11.54
C ALA B 77 1.77 8.68 -12.33
N ARG B 78 1.22 9.71 -11.65
CA ARG B 78 0.96 11.01 -12.23
C ARG B 78 2.23 11.55 -12.95
N GLY B 79 2.01 12.02 -14.18
CA GLY B 79 3.06 12.61 -15.01
C GLY B 79 3.25 11.90 -16.33
N ILE B 80 4.46 12.05 -16.89
CA ILE B 80 4.83 11.36 -18.14
C ILE B 80 5.54 10.07 -17.75
N ASN B 81 5.01 8.93 -18.24
CA ASN B 81 5.52 7.60 -17.99
C ASN B 81 6.22 7.15 -19.26
N ILE B 82 7.53 6.82 -19.14
CA ILE B 82 8.37 6.43 -20.27
C ILE B 82 8.95 5.02 -20.14
N ALA B 83 8.74 4.18 -21.18
CA ALA B 83 9.33 2.83 -21.28
C ALA B 83 10.33 2.88 -22.43
N VAL B 84 11.53 2.37 -22.18
CA VAL B 84 12.60 2.39 -23.19
C VAL B 84 12.98 0.95 -23.54
N VAL B 85 12.94 0.62 -24.84
CA VAL B 85 13.31 -0.71 -25.27
C VAL B 85 14.45 -0.70 -26.27
N ASN B 86 15.35 -1.69 -26.16
CA ASN B 86 16.43 -1.89 -27.11
C ASN B 86 15.78 -2.46 -28.38
N TYR B 87 15.82 -1.67 -29.47
CA TYR B 87 15.20 -2.05 -30.75
C TYR B 87 15.85 -3.30 -31.39
N GLU B 88 17.16 -3.40 -31.28
CA GLU B 88 17.95 -4.47 -31.83
C GLU B 88 17.64 -5.83 -31.19
N THR B 89 17.44 -5.86 -29.86
CA THR B 89 17.22 -7.09 -29.08
C THR B 89 15.82 -7.32 -28.49
N GLY B 90 15.01 -6.26 -28.38
CA GLY B 90 13.67 -6.35 -27.84
C GLY B 90 13.66 -6.30 -26.32
N LYS B 91 14.83 -6.05 -25.73
CA LYS B 91 14.99 -5.98 -24.29
C LYS B 91 14.57 -4.65 -23.73
N VAL B 92 13.79 -4.69 -22.62
CA VAL B 92 13.32 -3.51 -21.89
C VAL B 92 14.53 -2.98 -21.15
N ILE B 93 14.91 -1.74 -21.45
CA ILE B 93 16.09 -1.19 -20.82
C ILE B 93 15.82 -0.28 -19.62
N ALA B 94 14.65 0.38 -19.60
CA ALA B 94 14.26 1.29 -18.52
C ALA B 94 12.77 1.63 -18.58
N THR B 95 12.17 1.84 -17.41
CA THR B 95 10.80 2.33 -17.23
C THR B 95 10.91 3.40 -16.13
N LYS B 96 10.33 4.58 -16.36
CA LYS B 96 10.37 5.64 -15.37
C LYS B 96 9.25 6.64 -15.59
N TYR B 97 8.68 7.16 -14.50
CA TYR B 97 7.70 8.24 -14.59
C TYR B 97 8.30 9.54 -14.07
N PHE B 98 7.76 10.68 -14.53
CA PHE B 98 8.22 12.02 -14.19
C PHE B 98 6.99 12.87 -13.89
N ASP B 99 6.79 13.21 -12.60
CA ASP B 99 5.67 14.03 -12.14
C ASP B 99 5.81 15.44 -12.70
N MET B 100 4.77 15.93 -13.40
CA MET B 100 4.84 17.28 -13.97
C MET B 100 4.02 18.27 -13.17
N TYR B 101 3.50 17.82 -12.04
CA TYR B 101 2.67 18.68 -11.20
C TYR B 101 3.42 19.19 -9.97
N GLU B 102 4.33 18.37 -9.42
CA GLU B 102 5.17 18.68 -8.26
C GLU B 102 6.62 18.45 -8.68
N GLY B 103 7.55 19.02 -7.90
CA GLY B 103 8.98 18.87 -8.08
C GLY B 103 9.50 19.55 -9.32
N ASP B 104 10.73 19.20 -9.69
CA ASP B 104 11.39 19.74 -10.87
C ASP B 104 11.90 18.55 -11.65
N ASN B 105 10.97 17.82 -12.30
CA ASN B 105 11.28 16.59 -13.02
C ASN B 105 11.44 16.73 -14.52
N SER B 106 11.26 17.95 -15.03
CA SER B 106 11.42 18.28 -16.45
C SER B 106 12.89 18.12 -16.91
N GLY B 107 13.84 18.65 -16.13
CA GLY B 107 15.28 18.53 -16.34
C GLY B 107 15.69 17.07 -16.30
N PRO B 108 15.45 16.34 -15.18
CA PRO B 108 15.75 14.88 -15.15
C PRO B 108 15.16 14.06 -16.31
N MET B 109 13.93 14.41 -16.76
CA MET B 109 13.26 13.71 -17.87
C MET B 109 13.98 13.96 -19.18
N ALA B 110 14.38 15.22 -19.42
CA ALA B 110 15.13 15.60 -20.62
C ALA B 110 16.46 14.81 -20.67
N LYS B 111 17.20 14.74 -19.56
CA LYS B 111 18.46 13.98 -19.53
C LYS B 111 18.27 12.47 -19.63
N PHE B 112 17.14 11.95 -19.09
CA PHE B 112 16.80 10.54 -19.22
C PHE B 112 16.56 10.23 -20.73
N ILE B 113 15.83 11.12 -21.44
CA ILE B 113 15.55 10.96 -22.87
C ILE B 113 16.85 11.01 -23.68
N GLN B 114 17.63 12.08 -23.51
CA GLN B 114 18.91 12.27 -24.19
C GLN B 114 19.95 11.17 -23.91
N SER B 115 19.87 10.51 -22.75
CA SER B 115 20.80 9.44 -22.41
C SER B 115 20.41 8.09 -23.04
N THR B 116 19.18 7.98 -23.63
CA THR B 116 18.77 6.71 -24.21
C THR B 116 19.67 6.37 -25.40
N PRO B 117 20.12 5.10 -25.50
CA PRO B 117 21.05 4.74 -26.58
C PRO B 117 20.41 4.78 -27.96
N SER B 118 21.27 4.84 -29.01
CA SER B 118 20.85 4.76 -30.40
C SER B 118 20.27 3.35 -30.58
N LYS B 119 19.26 3.20 -31.48
CA LYS B 119 18.49 1.97 -31.75
C LYS B 119 17.61 1.63 -30.54
N SER B 120 16.90 2.65 -30.06
CA SER B 120 15.97 2.50 -28.95
C SER B 120 14.58 2.89 -29.37
N LEU B 121 13.58 2.25 -28.77
CA LEU B 121 12.17 2.63 -28.91
C LEU B 121 11.81 3.26 -27.58
N LEU B 122 11.10 4.40 -27.63
CA LEU B 122 10.63 5.11 -26.44
C LEU B 122 9.11 5.20 -26.53
N PHE B 123 8.44 4.81 -25.46
CA PHE B 123 6.99 4.84 -25.33
C PHE B 123 6.64 5.80 -24.19
N MET B 124 5.87 6.84 -24.50
CA MET B 124 5.49 7.89 -23.55
C MET B 124 3.98 8.03 -23.47
N VAL B 125 3.46 8.00 -22.23
CA VAL B 125 2.03 8.12 -21.94
C VAL B 125 1.86 9.08 -20.75
N THR B 126 0.78 9.83 -20.74
CA THR B 126 0.51 10.67 -19.58
C THR B 126 -0.43 9.91 -18.66
N HIS B 127 -0.37 10.24 -17.39
CA HIS B 127 -1.35 9.80 -16.41
C HIS B 127 -1.73 11.03 -15.62
N ASP B 128 -3.03 11.37 -15.64
CA ASP B 128 -3.63 12.49 -14.92
C ASP B 128 -3.24 13.86 -15.57
N ASP B 129 -1.96 14.22 -15.48
CA ASP B 129 -1.42 15.44 -16.07
C ASP B 129 0.07 15.23 -16.42
N GLY B 130 0.53 15.81 -17.51
CA GLY B 130 1.94 15.77 -17.91
C GLY B 130 2.43 17.13 -18.39
N SER B 131 1.66 18.20 -18.10
CA SER B 131 1.88 19.56 -18.56
C SER B 131 2.36 20.65 -17.58
N SER B 132 1.74 20.79 -16.38
CA SER B 132 2.00 21.89 -15.41
C SER B 132 3.39 22.45 -15.34
N LYS B 133 4.40 21.59 -15.07
CA LYS B 133 5.81 21.98 -14.89
C LYS B 133 6.71 21.45 -16.00
N LEU B 134 6.11 21.02 -17.12
CA LEU B 134 6.82 20.55 -18.31
C LEU B 134 7.53 21.80 -18.92
N LYS B 135 8.86 21.76 -18.90
CA LYS B 135 9.70 22.86 -19.36
C LYS B 135 10.24 22.70 -20.78
N ALA B 136 10.75 23.80 -21.35
CA ALA B 136 11.26 23.92 -22.73
C ALA B 136 12.27 22.87 -23.16
N GLN B 137 13.22 22.55 -22.28
CA GLN B 137 14.29 21.57 -22.53
C GLN B 137 13.67 20.17 -22.77
N ALA B 138 12.67 19.76 -21.96
CA ALA B 138 11.97 18.47 -22.11
C ALA B 138 11.14 18.47 -23.39
N LYS B 139 10.43 19.56 -23.68
CA LYS B 139 9.64 19.69 -24.89
C LYS B 139 10.53 19.60 -26.14
N ASP B 140 11.71 20.23 -26.10
CA ASP B 140 12.67 20.18 -27.21
C ASP B 140 13.19 18.77 -27.44
N ALA B 141 13.48 18.01 -26.35
CA ALA B 141 13.96 16.63 -26.42
C ALA B 141 12.89 15.69 -27.00
N ILE B 142 11.61 15.92 -26.69
CA ILE B 142 10.47 15.12 -27.18
C ILE B 142 10.15 15.50 -28.66
N GLU B 143 10.14 16.81 -28.97
CA GLU B 143 9.93 17.30 -30.36
C GLU B 143 11.07 16.85 -31.31
N ALA B 144 12.32 16.71 -30.78
CA ALA B 144 13.49 16.24 -31.56
C ALA B 144 13.33 14.76 -31.96
N LEU B 145 12.52 14.00 -31.18
CA LEU B 145 12.20 12.59 -31.44
C LEU B 145 11.04 12.44 -32.44
N GLY B 146 10.45 13.53 -32.85
CA GLY B 146 9.36 13.51 -33.82
C GLY B 146 7.97 13.85 -33.33
N SER B 147 7.86 14.33 -32.08
CA SER B 147 6.57 14.73 -31.53
C SER B 147 6.04 16.01 -32.16
N LYS B 148 4.81 15.97 -32.65
CA LYS B 148 4.13 17.08 -33.28
C LYS B 148 3.17 17.75 -32.28
N GLU B 149 2.93 17.10 -31.12
CA GLU B 149 1.95 17.61 -30.16
C GLU B 149 2.47 18.02 -28.81
N ILE B 150 3.72 17.69 -28.48
CA ILE B 150 4.29 18.03 -27.18
C ILE B 150 4.25 19.53 -26.83
N LYS B 151 4.50 20.44 -27.82
CA LYS B 151 4.45 21.88 -27.56
C LYS B 151 3.01 22.40 -27.49
N ASN B 152 2.04 21.56 -27.86
CA ASN B 152 0.60 21.86 -27.82
C ASN B 152 -0.06 21.40 -26.48
N MET B 153 0.70 20.77 -25.57
CA MET B 153 0.24 20.27 -24.29
C MET B 153 -0.32 21.33 -23.38
N LYS B 154 -1.44 20.99 -22.75
CA LYS B 154 -2.14 21.87 -21.83
C LYS B 154 -2.46 21.08 -20.59
N PHE B 155 -2.81 21.76 -19.49
CA PHE B 155 -3.12 21.11 -18.21
C PHE B 155 -4.14 19.94 -18.38
N ARG B 156 -3.71 18.74 -17.95
CA ARG B 156 -4.52 17.50 -18.02
C ARG B 156 -4.76 16.89 -19.41
N SER B 157 -4.15 17.44 -20.48
CA SER B 157 -4.24 16.85 -21.82
C SER B 157 -3.72 15.40 -21.75
N SER B 158 -4.45 14.45 -22.36
CA SER B 158 -3.97 13.08 -22.41
C SER B 158 -3.11 12.98 -23.65
N TRP B 159 -1.99 12.27 -23.55
CA TRP B 159 -1.00 12.19 -24.63
C TRP B 159 -0.33 10.84 -24.63
N VAL B 160 -0.15 10.28 -25.84
CA VAL B 160 0.50 8.98 -26.09
C VAL B 160 1.45 9.17 -27.27
N PHE B 161 2.66 8.62 -27.17
CA PHE B 161 3.71 8.82 -28.17
C PHE B 161 4.69 7.65 -28.29
N VAL B 162 5.03 7.28 -29.54
CA VAL B 162 6.06 6.27 -29.89
C VAL B 162 7.17 7.03 -30.62
N ALA B 163 8.42 6.79 -30.23
CA ALA B 163 9.58 7.39 -30.86
C ALA B 163 10.65 6.33 -31.08
N ALA B 164 11.47 6.53 -32.10
CA ALA B 164 12.61 5.70 -32.45
C ALA B 164 13.82 6.61 -32.38
N LYS B 165 14.90 6.14 -31.77
CA LYS B 165 16.15 6.90 -31.71
C LYS B 165 17.17 6.11 -32.52
N GLY B 166 17.76 6.76 -33.52
CA GLY B 166 18.77 6.17 -34.40
C GLY B 166 18.22 5.45 -35.62
N PHE B 167 16.93 5.68 -35.94
CA PHE B 167 16.26 5.09 -37.08
C PHE B 167 14.88 5.75 -37.24
N GLU B 168 14.22 5.52 -38.37
CA GLU B 168 12.93 6.11 -38.65
C GLU B 168 11.80 5.11 -38.58
N LEU B 169 10.69 5.50 -37.96
CA LEU B 169 9.55 4.61 -37.85
C LEU B 169 8.77 4.62 -39.16
N PRO B 170 8.10 3.50 -39.55
CA PRO B 170 7.26 3.54 -40.77
C PRO B 170 6.15 4.60 -40.63
N SER B 171 5.90 5.36 -41.71
CA SER B 171 4.92 6.46 -41.74
C SER B 171 3.45 6.07 -41.47
N GLU B 172 3.08 4.79 -41.72
CA GLU B 172 1.70 4.31 -41.58
C GLU B 172 1.25 3.91 -40.17
N ILE B 173 2.19 3.62 -39.25
CA ILE B 173 1.83 3.23 -37.87
C ILE B 173 1.29 4.43 -37.06
N GLU B 174 0.34 4.21 -36.14
CA GLU B 174 -0.12 5.35 -35.31
C GLU B 174 0.87 5.56 -34.16
N ARG B 175 1.56 6.68 -34.21
CA ARG B 175 2.63 6.99 -33.29
C ARG B 175 2.36 8.12 -32.30
N GLU B 176 1.23 8.82 -32.44
CA GLU B 176 0.94 9.94 -31.56
C GLU B 176 -0.50 10.31 -31.55
N LYS B 177 -1.00 10.72 -30.37
CA LYS B 177 -2.34 11.22 -30.17
C LYS B 177 -2.31 12.18 -28.99
N ILE B 178 -3.17 13.20 -29.02
CA ILE B 178 -3.38 14.15 -27.95
C ILE B 178 -4.88 14.41 -27.82
N ASN B 179 -5.34 14.69 -26.62
CA ASN B 179 -6.73 14.99 -26.35
C ASN B 179 -6.76 15.97 -25.20
N HIS B 180 -7.18 17.19 -25.50
CA HIS B 180 -7.24 18.28 -24.54
C HIS B 180 -8.48 18.27 -23.68
N SER B 181 -8.34 18.78 -22.44
CA SER B 181 -9.42 18.95 -21.48
C SER B 181 -10.40 20.00 -22.08
N ASP B 182 -11.70 19.67 -22.06
CA ASP B 182 -12.77 20.51 -22.61
C ASP B 182 -14.03 20.16 -21.82
N GLN B 183 -14.58 21.13 -21.09
CA GLN B 183 -15.76 20.97 -20.24
C GLN B 183 -16.96 20.32 -20.91
N SER B 184 -17.18 20.61 -22.21
CA SER B 184 -18.31 20.04 -22.96
C SER B 184 -18.11 18.57 -23.41
N ARG B 185 -16.87 18.05 -23.41
CA ARG B 185 -16.51 16.71 -23.91
C ARG B 185 -15.92 15.80 -22.85
N ASN B 186 -15.38 16.38 -21.76
CA ASN B 186 -14.67 15.63 -20.72
C ASN B 186 -15.39 14.39 -20.26
N ARG B 187 -14.71 13.24 -20.34
CA ARG B 187 -15.26 11.93 -19.94
C ARG B 187 -15.37 11.85 -18.40
N TYR B 188 -14.56 12.63 -17.68
CA TYR B 188 -14.52 12.69 -16.22
C TYR B 188 -14.64 14.13 -15.85
N ALA B 189 -15.09 14.41 -14.63
CA ALA B 189 -15.21 15.80 -14.15
C ALA B 189 -13.79 16.33 -13.88
N GLY B 190 -13.33 17.21 -14.77
CA GLY B 190 -12.02 17.84 -14.73
C GLY B 190 -10.96 17.21 -15.62
N TRP B 191 -11.24 16.06 -16.27
CA TRP B 191 -10.27 15.37 -17.12
C TRP B 191 -10.81 14.91 -18.49
N PRO B 192 -10.01 14.99 -19.57
CA PRO B 192 -10.49 14.46 -20.87
C PRO B 192 -10.51 12.93 -20.92
N ALA B 193 -11.16 12.39 -21.96
CA ALA B 193 -11.14 10.93 -22.16
C ALA B 193 -9.71 10.47 -22.40
N GLU B 194 -9.42 9.24 -21.96
CA GLU B 194 -8.15 8.59 -22.20
C GLU B 194 -8.08 8.26 -23.70
N ILE B 195 -6.86 8.14 -24.21
CA ILE B 195 -6.57 7.84 -25.62
C ILE B 195 -5.63 6.66 -25.70
N GLN B 196 -5.69 5.95 -26.82
CA GLN B 196 -4.92 4.74 -27.11
C GLN B 196 -4.32 4.84 -28.49
N ILE B 197 -3.19 4.17 -28.67
CA ILE B 197 -2.56 3.93 -29.97
C ILE B 197 -2.02 2.51 -29.96
N GLU B 198 -2.06 1.82 -31.10
CA GLU B 198 -1.54 0.47 -31.24
C GLU B 198 -0.95 0.29 -32.61
N GLY B 199 -0.03 -0.65 -32.72
CA GLY B 199 0.61 -0.92 -34.01
C GLY B 199 1.66 -1.99 -33.98
N CYS B 200 2.34 -2.15 -35.11
CA CYS B 200 3.35 -3.18 -35.31
C CYS B 200 4.58 -2.52 -35.92
N ILE B 201 5.72 -2.65 -35.23
CA ILE B 201 6.97 -2.06 -35.71
C ILE B 201 7.85 -3.18 -36.30
N PRO B 202 8.17 -3.12 -37.62
CA PRO B 202 9.10 -4.12 -38.18
C PRO B 202 10.42 -4.14 -37.42
N LYS B 203 10.98 -5.34 -37.17
CA LYS B 203 12.23 -5.49 -36.43
C LYS B 203 13.49 -5.31 -37.31
N GLY B 204 13.33 -5.35 -38.63
CA GLY B 204 14.45 -5.32 -39.55
C GLY B 204 14.84 -4.01 -40.20
N LEU B 205 14.36 -2.86 -39.68
CA LEU B 205 14.66 -1.53 -40.24
C LEU B 205 16.15 -1.16 -40.30
N ARG B 206 16.99 -1.74 -39.42
CA ARG B 206 18.44 -1.46 -39.40
C ARG B 206 19.28 -2.69 -39.65
N ASP B 207 18.67 -3.73 -40.27
CA ASP B 207 19.39 -4.97 -40.56
C ASP B 207 20.52 -4.76 -41.56
N TYR B 208 21.61 -5.50 -41.37
CA TYR B 208 22.75 -5.46 -42.26
C TYR B 208 22.43 -6.44 -43.38
N LYS B 209 21.95 -5.93 -44.52
CA LYS B 209 21.53 -6.76 -45.66
C LYS B 209 22.68 -7.13 -46.62
N ASP B 210 22.53 -8.26 -47.29
CA ASP B 210 23.47 -8.78 -48.30
C ASP B 210 23.15 -8.19 -49.70
N ASP B 211 23.90 -8.61 -50.75
CA ASP B 211 23.77 -8.16 -52.16
C ASP B 211 23.79 -6.64 -52.36
N ARG C 31 -10.16 -43.00 14.16
CA ARG C 31 -9.50 -41.79 14.67
C ARG C 31 -8.07 -41.61 14.12
N GLN C 32 -7.85 -40.53 13.36
CA GLN C 32 -6.54 -40.22 12.77
C GLN C 32 -5.67 -39.40 13.70
N LYS C 33 -4.38 -39.26 13.36
CA LYS C 33 -3.43 -38.43 14.09
C LYS C 33 -3.98 -37.00 14.04
N CYS C 34 -3.94 -36.29 15.19
CA CYS C 34 -4.42 -34.90 15.33
C CYS C 34 -5.92 -34.77 15.01
N ASP C 35 -6.66 -35.89 15.13
CA ASP C 35 -8.09 -36.00 14.85
C ASP C 35 -8.46 -35.49 13.46
N HIS C 36 -7.56 -35.71 12.48
CA HIS C 36 -7.76 -35.29 11.09
C HIS C 36 -9.02 -35.85 10.46
N TRP C 37 -9.63 -35.03 9.58
CA TRP C 37 -10.80 -35.36 8.79
C TRP C 37 -10.51 -36.67 8.01
N SER C 38 -9.39 -36.72 7.25
CA SER C 38 -8.94 -37.89 6.46
C SER C 38 -7.52 -38.38 6.86
N PRO C 39 -7.12 -39.65 6.59
CA PRO C 39 -5.75 -40.09 6.96
C PRO C 39 -4.67 -39.42 6.11
N CYS C 40 -3.47 -39.24 6.69
CA CYS C 40 -2.33 -38.64 5.97
C CYS C 40 -1.69 -39.69 5.07
N PRO C 41 -1.18 -39.32 3.87
CA PRO C 41 -0.46 -40.31 3.04
C PRO C 41 0.80 -40.84 3.76
N PRO C 42 1.37 -42.00 3.36
CA PRO C 42 2.59 -42.49 4.03
C PRO C 42 3.76 -41.50 3.94
N ASP C 43 4.68 -41.57 4.91
CA ASP C 43 5.91 -40.76 4.99
C ASP C 43 5.63 -39.24 5.07
N THR C 44 4.59 -38.86 5.83
CA THR C 44 4.24 -37.45 6.03
C THR C 44 4.08 -37.11 7.50
N TYR C 45 4.31 -35.83 7.84
CA TYR C 45 4.07 -35.33 9.20
C TYR C 45 2.66 -34.75 9.23
N ALA C 46 1.85 -35.14 10.22
CA ALA C 46 0.52 -34.59 10.42
C ALA C 46 0.62 -33.38 11.39
N TYR C 47 -0.06 -32.29 11.06
CA TYR C 47 -0.14 -31.12 11.92
C TYR C 47 -1.57 -30.62 11.98
N ARG C 48 -1.90 -29.97 13.08
CA ARG C 48 -3.17 -29.30 13.24
C ARG C 48 -2.94 -28.10 14.14
N LEU C 49 -3.20 -26.90 13.61
CA LEU C 49 -3.03 -25.62 14.29
C LEU C 49 -4.39 -25.02 14.58
N LEU C 50 -4.56 -24.55 15.82
CA LEU C 50 -5.79 -23.94 16.32
C LEU C 50 -5.43 -22.65 17.08
N SER C 51 -6.03 -21.52 16.70
CA SER C 51 -5.82 -20.25 17.40
C SER C 51 -6.79 -20.29 18.61
N GLY C 52 -6.60 -19.39 19.54
CA GLY C 52 -7.54 -19.27 20.64
C GLY C 52 -8.80 -18.56 20.18
N GLY C 53 -9.82 -18.64 20.99
CA GLY C 53 -11.08 -17.94 20.78
C GLY C 53 -11.89 -17.93 22.06
N GLY C 54 -12.07 -16.81 22.73
CA GLY C 54 -11.33 -15.57 22.67
C GLY C 54 -10.43 -15.66 23.88
N ARG C 55 -11.03 -15.67 25.08
CA ARG C 55 -10.23 -15.81 26.31
C ARG C 55 -10.30 -17.20 26.95
N ASP C 56 -11.39 -17.95 26.74
CA ASP C 56 -11.65 -19.24 27.38
C ASP C 56 -11.40 -20.50 26.54
N LYS C 57 -11.25 -20.35 25.22
CA LYS C 57 -10.91 -21.47 24.33
C LYS C 57 -9.48 -21.21 23.90
N TYR C 58 -8.58 -22.11 24.29
CA TYR C 58 -7.15 -21.96 24.11
C TYR C 58 -6.58 -22.41 22.79
N ALA C 59 -5.50 -21.73 22.36
CA ALA C 59 -4.77 -22.07 21.16
C ALA C 59 -4.21 -23.48 21.38
N LYS C 60 -3.98 -24.20 20.29
CA LYS C 60 -3.42 -25.55 20.35
C LYS C 60 -2.56 -25.82 19.11
N ILE C 61 -1.42 -26.48 19.32
CA ILE C 61 -0.51 -26.94 18.27
C ILE C 61 -0.40 -28.46 18.44
N CYS C 62 -0.88 -29.24 17.45
CA CYS C 62 -0.79 -30.71 17.43
C CYS C 62 0.15 -31.07 16.31
N PHE C 63 1.12 -31.92 16.60
CA PHE C 63 2.07 -32.40 15.62
C PHE C 63 2.24 -33.89 15.85
N GLU C 64 1.95 -34.69 14.80
CA GLU C 64 2.07 -36.14 14.86
C GLU C 64 1.31 -36.75 16.03
N ASP C 65 0.08 -36.23 16.28
CA ASP C 65 -0.81 -36.69 17.36
C ASP C 65 -0.35 -36.30 18.78
N GLU C 66 0.66 -35.41 18.89
CA GLU C 66 1.14 -34.91 20.16
C GLU C 66 0.87 -33.40 20.23
N VAL C 67 0.28 -32.95 21.34
CA VAL C 67 0.01 -31.55 21.65
C VAL C 67 1.37 -30.97 22.11
N LEU C 68 1.92 -30.03 21.32
CA LEU C 68 3.20 -29.37 21.60
C LEU C 68 2.98 -28.14 22.47
N ILE C 69 1.90 -27.40 22.16
CA ILE C 69 1.46 -26.20 22.89
C ILE C 69 -0.06 -26.34 23.07
N GLY C 70 -0.51 -26.10 24.28
CA GLY C 70 -1.92 -26.17 24.63
C GLY C 70 -2.17 -26.20 26.12
N GLU C 71 -3.46 -26.21 26.48
CA GLU C 71 -3.95 -26.28 27.86
C GLU C 71 -3.37 -27.53 28.56
N LYS C 72 -3.45 -28.70 27.87
CA LYS C 72 -3.00 -30.04 28.28
C LYS C 72 -1.53 -30.07 28.73
N THR C 73 -0.64 -29.40 27.97
CA THR C 73 0.78 -29.32 28.27
C THR C 73 1.12 -28.12 29.19
N GLY C 74 0.10 -27.34 29.55
CA GLY C 74 0.20 -26.15 30.40
C GLY C 74 1.22 -25.14 29.92
N ASN C 75 1.30 -24.93 28.58
CA ASN C 75 2.31 -24.02 28.02
C ASN C 75 1.78 -23.06 26.97
N VAL C 76 0.49 -22.77 27.02
CA VAL C 76 -0.18 -21.83 26.12
C VAL C 76 -0.46 -20.54 26.90
N ALA C 77 -0.28 -19.36 26.25
CA ALA C 77 -0.57 -18.07 26.87
C ALA C 77 -0.85 -17.02 25.81
N ARG C 78 -1.34 -15.84 26.24
CA ARG C 78 -1.60 -14.68 25.41
C ARG C 78 -0.38 -14.32 24.54
N GLY C 79 -0.63 -13.98 23.28
CA GLY C 79 0.40 -13.62 22.32
C GLY C 79 0.56 -14.67 21.25
N ILE C 80 1.73 -14.73 20.65
CA ILE C 80 2.06 -15.69 19.59
C ILE C 80 2.80 -16.88 20.24
N ASN C 81 2.26 -18.10 20.01
CA ASN C 81 2.78 -19.36 20.53
C ASN C 81 3.46 -20.06 19.37
N ILE C 82 4.75 -20.38 19.53
CA ILE C 82 5.59 -20.99 18.50
C ILE C 82 6.18 -22.35 18.91
N ALA C 83 5.97 -23.37 18.08
CA ALA C 83 6.56 -24.70 18.23
C ALA C 83 7.55 -24.90 17.07
N VAL C 84 8.74 -25.36 17.39
CA VAL C 84 9.78 -25.56 16.38
C VAL C 84 10.17 -27.04 16.31
N VAL C 85 10.09 -27.64 15.12
CA VAL C 85 10.48 -29.04 14.97
C VAL C 85 11.59 -29.25 13.96
N ASN C 86 12.50 -30.21 14.27
CA ASN C 86 13.57 -30.57 13.35
C ASN C 86 12.91 -31.39 12.24
N TYR C 87 12.89 -30.86 11.02
CA TYR C 87 12.27 -31.49 9.86
C TYR C 87 12.91 -32.83 9.47
N GLU C 88 14.22 -32.90 9.56
CA GLU C 88 15.00 -34.08 9.22
C GLU C 88 14.72 -35.26 10.15
N THR C 89 14.54 -35.01 11.45
CA THR C 89 14.37 -36.06 12.47
C THR C 89 12.99 -36.18 13.13
N GLY C 90 12.18 -35.12 13.06
CA GLY C 90 10.85 -35.11 13.64
C GLY C 90 10.86 -34.73 15.10
N LYS C 91 12.04 -34.35 15.60
CA LYS C 91 12.25 -33.98 16.99
C LYS C 91 11.81 -32.55 17.27
N VAL C 92 11.03 -32.38 18.36
CA VAL C 92 10.55 -31.07 18.85
C VAL C 92 11.75 -30.38 19.44
N ILE C 93 12.14 -29.24 18.89
CA ILE C 93 13.33 -28.55 19.36
C ILE C 93 13.08 -27.40 20.34
N ALA C 94 11.90 -26.77 20.27
CA ALA C 94 11.51 -25.67 21.13
C ALA C 94 10.02 -25.34 21.05
N THR C 95 9.47 -24.86 22.16
CA THR C 95 8.09 -24.37 22.30
C THR C 95 8.19 -23.10 23.15
N LYS C 96 7.60 -21.99 22.70
CA LYS C 96 7.64 -20.74 23.46
C LYS C 96 6.54 -19.80 23.03
N TYR C 97 5.98 -19.05 23.99
CA TYR C 97 5.00 -18.00 23.69
C TYR C 97 5.61 -16.62 23.90
N PHE C 98 5.07 -15.62 23.20
CA PHE C 98 5.53 -14.23 23.23
C PHE C 98 4.30 -13.33 23.37
N ASP C 99 4.14 -12.73 24.57
CA ASP C 99 3.04 -11.84 24.88
C ASP C 99 3.17 -10.58 24.05
N MET C 100 2.13 -10.28 23.25
CA MET C 100 2.15 -9.11 22.39
C MET C 100 1.32 -7.97 22.97
N TYR C 101 0.85 -8.14 24.22
CA TYR C 101 0.03 -7.14 24.91
C TYR C 101 0.77 -6.38 26.01
N GLU C 102 1.67 -7.07 26.72
CA GLU C 102 2.54 -6.54 27.78
C GLU C 102 3.99 -6.85 27.40
N GLY C 103 4.92 -6.13 28.00
CA GLY C 103 6.35 -6.33 27.77
C GLY C 103 6.83 -5.89 26.41
N ASP C 104 8.07 -6.28 26.07
CA ASP C 104 8.68 -5.99 24.79
C ASP C 104 9.21 -7.31 24.26
N ASN C 105 8.29 -8.18 23.80
CA ASN C 105 8.60 -9.54 23.36
C ASN C 105 8.75 -9.72 21.87
N SER C 106 8.56 -8.65 21.11
CA SER C 106 8.67 -8.62 19.66
C SER C 106 10.13 -8.89 19.20
N GLY C 107 11.09 -8.20 19.83
CA GLY C 107 12.52 -8.36 19.63
C GLY C 107 12.95 -9.78 19.95
N PRO C 108 12.74 -10.26 21.21
CA PRO C 108 13.04 -11.67 21.54
C PRO C 108 12.41 -12.73 20.58
N MET C 109 11.19 -12.48 20.10
CA MET C 109 10.49 -13.40 19.18
C MET C 109 11.17 -13.44 17.83
N ALA C 110 11.60 -12.25 17.34
CA ALA C 110 12.28 -12.12 16.06
C ALA C 110 13.59 -12.88 16.09
N LYS C 111 14.34 -12.78 17.21
CA LYS C 111 15.62 -13.50 17.36
C LYS C 111 15.44 -14.99 17.60
N PHE C 112 14.36 -15.40 18.27
CA PHE C 112 14.01 -16.82 18.45
C PHE C 112 13.73 -17.44 17.07
N ILE C 113 12.99 -16.72 16.20
CA ILE C 113 12.69 -17.18 14.84
C ILE C 113 13.98 -17.29 14.00
N GLN C 114 14.76 -16.18 13.94
CA GLN C 114 16.02 -16.14 13.20
C GLN C 114 17.06 -17.17 13.68
N SER C 115 17.01 -17.57 14.95
CA SER C 115 17.95 -18.54 15.51
C SER C 115 17.58 -19.99 15.20
N THR C 116 16.34 -20.22 14.68
CA THR C 116 15.94 -21.60 14.38
C THR C 116 16.84 -22.19 13.28
N PRO C 117 17.28 -23.44 13.44
CA PRO C 117 18.19 -24.03 12.43
C PRO C 117 17.53 -24.27 11.08
N SER C 118 18.36 -24.44 10.05
CA SER C 118 17.92 -24.80 8.71
C SER C 118 17.32 -26.22 8.83
N LYS C 119 16.31 -26.52 7.99
CA LYS C 119 15.54 -27.78 8.00
C LYS C 119 14.68 -27.86 9.26
N SER C 120 13.97 -26.76 9.55
CA SER C 120 13.05 -26.68 10.67
C SER C 120 11.65 -26.38 10.18
N LEU C 121 10.66 -26.87 10.92
CA LEU C 121 9.25 -26.53 10.73
C LEU C 121 8.91 -25.62 11.91
N LEU C 122 8.19 -24.53 11.62
CA LEU C 122 7.74 -23.59 12.65
C LEU C 122 6.22 -23.51 12.59
N PHE C 123 5.58 -23.64 13.75
CA PHE C 123 4.13 -23.59 13.89
C PHE C 123 3.79 -22.43 14.80
N MET C 124 2.99 -21.46 14.30
CA MET C 124 2.63 -20.24 15.02
C MET C 124 1.13 -20.08 15.11
N VAL C 125 0.64 -19.84 16.33
CA VAL C 125 -0.76 -19.64 16.61
C VAL C 125 -0.93 -18.46 17.58
N THR C 126 -2.00 -17.70 17.44
CA THR C 126 -2.26 -16.65 18.41
C THR C 126 -3.18 -17.20 19.49
N HIS C 127 -3.07 -16.61 20.68
CA HIS C 127 -4.01 -16.79 21.80
C HIS C 127 -4.41 -15.40 22.29
N ASP C 128 -5.72 -15.08 22.24
CA ASP C 128 -6.32 -13.82 22.73
C ASP C 128 -5.95 -12.63 21.83
N ASP C 129 -4.68 -12.25 21.83
CA ASP C 129 -4.17 -11.19 20.95
C ASP C 129 -2.73 -11.55 20.60
N GLY C 130 -2.27 -11.20 19.41
CA GLY C 130 -0.88 -11.36 18.95
C GLY C 130 -0.44 -10.12 18.17
N SER C 131 -1.10 -8.98 18.42
CA SER C 131 -0.85 -7.80 17.60
C SER C 131 -0.52 -6.46 18.26
N SER C 132 -0.98 -6.18 19.49
CA SER C 132 -0.75 -4.86 20.12
C SER C 132 0.67 -4.33 20.01
N LYS C 133 1.62 -5.13 20.49
CA LYS C 133 3.02 -4.70 20.52
C LYS C 133 3.87 -5.41 19.48
N LEU C 134 3.24 -6.02 18.45
CA LEU C 134 3.91 -6.73 17.37
C LEU C 134 4.64 -5.74 16.48
N LYS C 135 5.97 -5.76 16.54
CA LYS C 135 6.84 -4.81 15.85
C LYS C 135 7.34 -5.25 14.49
N ALA C 136 7.86 -4.31 13.70
CA ALA C 136 8.36 -4.46 12.33
C ALA C 136 9.39 -5.59 12.16
N GLN C 137 10.33 -5.72 13.10
CA GLN C 137 11.40 -6.73 13.08
C GLN C 137 10.79 -8.15 13.10
N ALA C 138 9.78 -8.38 13.98
CA ALA C 138 9.07 -9.65 14.10
C ALA C 138 8.25 -9.92 12.82
N LYS C 139 7.55 -8.90 12.29
CA LYS C 139 6.77 -9.02 11.07
C LYS C 139 7.67 -9.38 9.89
N ASP C 140 8.85 -8.75 9.79
CA ASP C 140 9.82 -9.04 8.74
C ASP C 140 10.33 -10.48 8.82
N ALA C 141 10.60 -10.99 10.04
CA ALA C 141 11.05 -12.37 10.26
C ALA C 141 9.97 -13.40 9.87
N ILE C 142 8.67 -13.09 10.12
CA ILE C 142 7.54 -13.97 9.83
C ILE C 142 7.21 -13.89 8.32
N GLU C 143 7.28 -12.68 7.73
CA GLU C 143 7.09 -12.48 6.29
C GLU C 143 8.20 -13.17 5.46
N ALA C 144 9.44 -13.19 5.98
CA ALA C 144 10.58 -13.83 5.31
C ALA C 144 10.37 -15.36 5.22
N LEU C 145 9.55 -15.91 6.15
CA LEU C 145 9.20 -17.34 6.19
C LEU C 145 8.04 -17.68 5.25
N GLY C 146 7.42 -16.67 4.63
CA GLY C 146 6.32 -16.88 3.70
C GLY C 146 4.95 -16.43 4.14
N SER C 147 4.84 -15.76 5.30
CA SER C 147 3.55 -15.22 5.78
C SER C 147 3.05 -14.09 4.87
N LYS C 148 1.80 -14.20 4.42
CA LYS C 148 1.13 -13.19 3.59
C LYS C 148 0.17 -12.34 4.43
N GLU C 149 -0.09 -12.72 5.69
CA GLU C 149 -1.07 -12.03 6.50
C GLU C 149 -0.55 -11.30 7.75
N ILE C 150 0.66 -11.63 8.23
CA ILE C 150 1.20 -10.96 9.43
C ILE C 150 1.22 -9.42 9.24
N LYS C 151 1.44 -8.94 8.00
CA LYS C 151 1.42 -7.50 7.70
C LYS C 151 0.04 -6.88 8.02
N ASN C 152 -1.02 -7.72 8.04
CA ASN C 152 -2.42 -7.32 8.22
C ASN C 152 -2.96 -7.53 9.62
N MET C 153 -2.10 -7.93 10.59
CA MET C 153 -2.52 -8.17 11.98
C MET C 153 -3.17 -6.94 12.59
N LYS C 154 -4.31 -7.15 13.26
CA LYS C 154 -5.04 -6.12 13.99
C LYS C 154 -5.29 -6.67 15.35
N PHE C 155 -5.70 -5.81 16.27
CA PHE C 155 -5.96 -6.18 17.65
C PHE C 155 -6.86 -7.40 17.76
N ARG C 156 -6.37 -8.45 18.43
CA ARG C 156 -7.16 -9.67 18.66
C ARG C 156 -7.50 -10.53 17.41
N SER C 157 -6.95 -10.20 16.23
CA SER C 157 -7.08 -11.03 15.03
C SER C 157 -6.55 -12.45 15.39
N SER C 158 -7.29 -13.49 15.01
CA SER C 158 -6.79 -14.84 15.24
C SER C 158 -5.94 -15.19 14.01
N TRP C 159 -4.82 -15.88 14.24
CA TRP C 159 -3.86 -16.18 13.17
C TRP C 159 -3.17 -17.51 13.45
N VAL C 160 -3.02 -18.30 12.38
CA VAL C 160 -2.38 -19.63 12.40
C VAL C 160 -1.45 -19.69 11.18
N PHE C 161 -0.24 -20.22 11.38
CA PHE C 161 0.78 -20.26 10.35
C PHE C 161 1.76 -21.43 10.46
N VAL C 162 2.08 -22.06 9.32
CA VAL C 162 3.10 -23.12 9.16
C VAL C 162 4.18 -22.53 8.26
N ALA C 163 5.44 -22.72 8.64
CA ALA C 163 6.60 -22.29 7.86
C ALA C 163 7.64 -23.40 7.85
N ALA C 164 8.44 -23.42 6.79
CA ALA C 164 9.58 -24.30 6.62
C ALA C 164 10.80 -23.40 6.47
N LYS C 165 11.87 -23.71 7.16
CA LYS C 165 13.13 -22.97 7.04
C LYS C 165 14.14 -23.89 6.36
N GLY C 166 14.67 -23.48 5.20
CA GLY C 166 15.63 -24.29 4.43
C GLY C 166 15.03 -25.24 3.40
N PHE C 167 13.76 -25.02 3.05
CA PHE C 167 13.01 -25.80 2.04
C PHE C 167 11.63 -25.18 1.82
N GLU C 168 10.97 -25.59 0.75
CA GLU C 168 9.65 -25.09 0.40
C GLU C 168 8.59 -26.08 0.76
N LEU C 169 7.49 -25.58 1.34
CA LEU C 169 6.35 -26.43 1.68
C LEU C 169 5.56 -26.71 0.41
N PRO C 170 4.94 -27.89 0.25
CA PRO C 170 4.10 -28.10 -0.95
C PRO C 170 2.98 -27.03 -1.03
N SER C 171 2.73 -26.51 -2.24
CA SER C 171 1.76 -25.45 -2.49
C SER C 171 0.29 -25.77 -2.12
N GLU C 172 -0.09 -27.06 -2.06
CA GLU C 172 -1.46 -27.50 -1.77
C GLU C 172 -1.89 -27.58 -0.31
N ILE C 173 -0.93 -27.65 0.63
CA ILE C 173 -1.26 -27.73 2.07
C ILE C 173 -1.76 -26.40 2.61
N GLU C 174 -2.71 -26.41 3.57
CA GLU C 174 -3.15 -25.13 4.15
C GLU C 174 -2.14 -24.69 5.20
N ARG C 175 -1.47 -23.60 4.92
CA ARG C 175 -0.38 -23.11 5.74
C ARG C 175 -0.64 -21.78 6.48
N GLU C 176 -1.75 -21.11 6.21
CA GLU C 176 -2.02 -19.82 6.85
C GLU C 176 -3.46 -19.45 6.82
N LYS C 177 -3.92 -18.79 7.86
CA LYS C 177 -5.27 -18.26 7.98
C LYS C 177 -5.25 -17.08 8.95
N ILE C 178 -6.08 -16.08 8.71
CA ILE C 178 -6.27 -14.92 9.58
C ILE C 178 -7.79 -14.64 9.67
N ASN C 179 -8.22 -14.13 10.81
CA ASN C 179 -9.61 -13.75 11.02
C ASN C 179 -9.62 -12.56 11.95
N HIS C 180 -10.05 -11.42 11.41
CA HIS C 180 -10.09 -10.15 12.12
C HIS C 180 -11.34 -9.97 12.96
N SER C 181 -11.20 -9.20 14.04
CA SER C 181 -12.30 -8.85 14.94
C SER C 181 -13.30 -7.98 14.14
N ASP C 182 -14.59 -8.30 14.24
CA ASP C 182 -15.68 -7.61 13.54
C ASP C 182 -16.93 -7.79 14.39
N GLN C 183 -17.47 -6.69 14.92
CA GLN C 183 -18.64 -6.64 15.80
C GLN C 183 -19.84 -7.45 15.29
N SER C 184 -20.10 -7.43 13.98
CA SER C 184 -21.21 -8.17 13.38
C SER C 184 -21.02 -9.69 13.27
N ARG C 185 -19.76 -10.20 13.34
CA ARG C 185 -19.41 -11.62 13.15
C ARG C 185 -18.77 -12.28 14.36
N ASN C 186 -18.23 -11.48 15.29
CA ASN C 186 -17.51 -11.99 16.44
C ASN C 186 -18.20 -13.13 17.16
N ARG C 187 -17.49 -14.26 17.34
CA ARG C 187 -18.04 -15.44 18.02
C ARG C 187 -18.15 -15.21 19.54
N TYR C 188 -17.31 -14.30 20.07
CA TYR C 188 -17.24 -13.93 21.48
C TYR C 188 -17.38 -12.44 21.58
N ALA C 189 -17.84 -11.94 22.73
CA ALA C 189 -17.97 -10.49 22.94
C ALA C 189 -16.53 -9.94 23.01
N GLY C 190 -16.13 -9.18 22.00
CA GLY C 190 -14.78 -8.63 21.91
C GLY C 190 -13.75 -9.45 21.13
N TRP C 191 -14.06 -10.73 20.75
CA TRP C 191 -13.11 -11.56 20.00
C TRP C 191 -13.66 -12.24 18.74
N PRO C 192 -12.85 -12.36 17.67
CA PRO C 192 -13.31 -13.13 16.51
C PRO C 192 -13.30 -14.64 16.80
N ALA C 193 -13.97 -15.41 15.93
CA ALA C 193 -13.97 -16.86 16.03
C ALA C 193 -12.52 -17.37 15.88
N GLU C 194 -12.25 -18.51 16.53
CA GLU C 194 -10.98 -19.20 16.42
C GLU C 194 -10.92 -19.82 15.02
N ILE C 195 -9.71 -20.06 14.53
CA ILE C 195 -9.46 -20.65 13.21
C ILE C 195 -8.52 -21.83 13.35
N GLN C 196 -8.59 -22.74 12.38
CA GLN C 196 -7.84 -24.00 12.34
C GLN C 196 -7.26 -24.21 10.97
N ILE C 197 -6.13 -24.90 10.92
CA ILE C 197 -5.51 -25.40 9.70
C ILE C 197 -4.96 -26.80 10.00
N GLU C 198 -5.02 -27.71 9.03
CA GLU C 198 -4.48 -29.06 9.18
C GLU C 198 -3.90 -29.53 7.87
N GLY C 199 -2.98 -30.47 7.95
CA GLY C 199 -2.37 -31.00 6.74
C GLY C 199 -1.32 -32.05 6.98
N CYS C 200 -0.66 -32.43 5.89
CA CYS C 200 0.34 -33.48 5.88
C CYS C 200 1.55 -32.98 5.13
N ILE C 201 2.70 -32.97 5.81
CA ILE C 201 3.94 -32.50 5.19
C ILE C 201 4.80 -33.70 4.83
N PRO C 202 5.09 -33.93 3.52
CA PRO C 202 6.02 -35.03 3.16
C PRO C 202 7.36 -34.88 3.88
N LYS C 203 7.92 -35.99 4.38
CA LYS C 203 9.20 -36.00 5.11
C LYS C 203 10.44 -36.02 4.17
N GLY C 204 10.24 -36.32 2.90
CA GLY C 204 11.32 -36.48 1.95
C GLY C 204 11.71 -35.34 1.05
N LEU C 205 11.25 -34.10 1.34
CA LEU C 205 11.55 -32.93 0.51
C LEU C 205 13.03 -32.58 0.35
N ARG C 206 13.89 -32.98 1.30
CA ARG C 206 15.34 -32.70 1.21
C ARG C 206 16.17 -33.99 1.21
N ASP C 207 15.54 -35.12 0.83
CA ASP C 207 16.24 -36.42 0.76
C ASP C 207 17.35 -36.39 -0.30
N TYR C 208 18.45 -37.07 0.00
CA TYR C 208 19.57 -37.19 -0.91
C TYR C 208 19.22 -38.41 -1.76
N LYS C 209 18.71 -38.16 -2.98
CA LYS C 209 18.26 -39.20 -3.90
C LYS C 209 19.36 -39.86 -4.72
N ASP C 210 19.11 -41.12 -5.13
CA ASP C 210 20.01 -41.92 -5.98
C ASP C 210 19.81 -41.62 -7.46
C1 GOL D . 1.88 -3.15 5.31
O1 GOL D . 0.86 -2.61 6.16
C2 GOL D . 1.98 -2.35 4.01
O2 GOL D . 2.68 -2.86 2.86
C3 GOL D . 1.09 -1.20 3.64
O3 GOL D . 2.01 -0.11 3.65
C1 GOL E . -4.30 16.16 -9.35
O1 GOL E . -3.19 15.24 -9.37
C2 GOL E . -3.79 17.54 -9.81
O2 GOL E . -4.89 18.46 -9.73
C3 GOL E . -3.23 17.57 -11.27
O3 GOL E . -4.26 17.17 -12.19
C1 GOL F . -5.68 -8.48 25.07
O1 GOL F . -6.83 -8.87 24.26
C2 GOL F . -6.13 -7.79 26.41
O2 GOL F . -7.22 -6.90 26.18
C3 GOL F . -6.65 -8.79 27.47
O3 GOL F . -5.90 -10.01 27.51
#